data_1B9Z
#
_entry.id   1B9Z
#
_cell.length_a   58.160
_cell.length_b   93.740
_cell.length_c   66.660
_cell.angle_alpha   90.00
_cell.angle_beta   102.44
_cell.angle_gamma   90.00
#
_symmetry.space_group_name_H-M   'P 1 21 1'
#
loop_
_entity.id
_entity.type
_entity.pdbx_description
1 polymer 'PROTEIN (BETA-AMYLASE)'
2 branched alpha-D-glucopyranose-(1-4)-alpha-D-glucopyranose
3 non-polymer 'ACETATE ION'
4 non-polymer 'SULFATE ION'
5 non-polymer 'CALCIUM ION'
6 water water
#
_entity_poly.entity_id   1
_entity_poly.type   'polypeptide(L)'
_entity_poly.pdbx_seq_one_letter_code
;AVNGKGMNPDYKAYLMAPLKKIPEVTNWETFENDLRWAKQNGFYAITVDFWWGDMEKNGDQQFDFSYAQRFAQSVKNAGM
KMIPIISTHQCGGNVGDDCNVPIPSWVWNQKSDDSLYFKSETGTVNKETLNPLASDVIRKEYGELYTAFAAAMKPYKDVI
AKIYLSGGPAGELRYPSYTTSDGTGYPSRGKFQAYTEFAKSKFRLWVLNKYGSLNEVNKAWGTKLISELAILPPSDGEQF
LMNGYLSMYGKDYLEWYQGILENHTKLIGELAHNAFDTTFQVPIGAKIAGVHWQYNNPTIPHGAEKPAGYNDYSHLLDAF
KSAKLDVTFTCLEMTDKGSYPEYSMPKTLVQNIATLANEKGIVLNGENALSIGNEEEYKRVAEMAFNYNFAGFTLLRYQD
VMYNNSLMGKFKDLLGVTPVMQTIVVKNVPTTIGDTVYITGNRAELGSWDTKQYPIQLYYDSHSNDWRGNVVLPAERNIE
FKAFIKSKDGTVKSWQTIQQSWNPVPLKTTSHTSSW
;
_entity_poly.pdbx_strand_id   A
#
loop_
_chem_comp.id
_chem_comp.type
_chem_comp.name
_chem_comp.formula
ACT non-polymer 'ACETATE ION' 'C2 H3 O2 -1'
CA non-polymer 'CALCIUM ION' 'Ca 2'
GLC D-saccharide, alpha linking alpha-D-glucopyranose 'C6 H12 O6'
SO4 non-polymer 'SULFATE ION' 'O4 S -2'
#
# COMPACT_ATOMS: atom_id res chain seq x y z
N ALA A 1 14.56 11.48 -9.82
CA ALA A 1 14.06 10.18 -9.48
C ALA A 1 14.84 9.10 -10.18
N VAL A 2 14.48 7.87 -9.76
CA VAL A 2 15.07 6.64 -10.26
C VAL A 2 14.96 6.54 -11.79
N ASN A 3 16.08 6.14 -12.44
CA ASN A 3 16.22 5.98 -13.88
C ASN A 3 16.21 7.28 -14.69
N GLY A 4 16.67 8.38 -14.07
CA GLY A 4 16.76 9.65 -14.81
C GLY A 4 15.48 10.43 -15.01
N LYS A 5 14.38 9.98 -14.41
CA LYS A 5 13.12 10.69 -14.55
C LYS A 5 12.74 11.47 -13.30
N GLY A 6 11.65 12.26 -13.33
CA GLY A 6 11.25 13.03 -12.15
C GLY A 6 10.06 12.43 -11.43
N MET A 7 9.36 13.23 -10.61
CA MET A 7 8.19 12.79 -9.85
C MET A 7 6.97 12.51 -10.73
N ASN A 8 6.05 11.67 -10.24
CA ASN A 8 4.85 11.33 -10.97
C ASN A 8 3.97 12.57 -11.15
N PRO A 9 3.59 12.99 -12.37
CA PRO A 9 2.71 14.11 -12.61
C PRO A 9 1.30 13.94 -12.07
N ASP A 10 0.89 12.71 -11.71
CA ASP A 10 -0.42 12.51 -11.16
C ASP A 10 -0.42 12.50 -9.64
N TYR A 11 0.69 12.76 -8.92
CA TYR A 11 0.71 12.76 -7.46
C TYR A 11 -0.39 13.57 -6.76
N LYS A 12 -1.04 13.02 -5.71
CA LYS A 12 -2.06 13.70 -4.92
C LYS A 12 -1.85 13.32 -3.47
N ALA A 13 -2.18 14.17 -2.50
CA ALA A 13 -2.00 13.81 -1.10
C ALA A 13 -3.38 13.52 -0.56
N TYR A 14 -3.54 12.60 0.36
CA TYR A 14 -4.85 12.24 0.89
C TYR A 14 -4.80 12.23 2.41
N LEU A 15 -5.96 12.37 3.10
CA LEU A 15 -6.04 12.39 4.58
C LEU A 15 -6.84 11.22 5.14
N MET A 16 -6.42 10.43 6.12
CA MET A 16 -7.27 9.38 6.67
C MET A 16 -8.17 10.04 7.71
N ALA A 17 -9.45 9.64 7.70
CA ALA A 17 -10.50 10.13 8.61
C ALA A 17 -10.34 9.49 9.98
N PRO A 18 -10.98 9.89 11.08
CA PRO A 18 -10.99 9.11 12.32
C PRO A 18 -11.50 7.66 12.21
N LEU A 19 -11.17 6.72 13.11
CA LEU A 19 -11.73 5.39 13.02
C LEU A 19 -13.22 5.41 13.46
N LYS A 20 -13.54 6.32 14.39
CA LYS A 20 -14.89 6.51 14.91
C LYS A 20 -15.75 7.34 13.99
N LYS A 21 -17.07 7.30 14.21
CA LYS A 21 -17.97 8.11 13.38
C LYS A 21 -17.76 9.60 13.72
N ILE A 22 -17.83 10.53 12.75
CA ILE A 22 -17.62 11.96 12.97
C ILE A 22 -18.42 12.57 14.09
N PRO A 23 -19.72 12.26 14.31
CA PRO A 23 -20.45 12.64 15.54
C PRO A 23 -19.95 12.15 16.89
N GLU A 24 -19.00 11.24 16.98
CA GLU A 24 -18.48 10.79 18.26
C GLU A 24 -17.15 11.52 18.52
N VAL A 25 -16.72 12.39 17.60
CA VAL A 25 -15.47 13.18 17.61
C VAL A 25 -15.78 14.67 17.72
N THR A 26 -16.56 15.22 16.79
CA THR A 26 -16.92 16.64 16.81
C THR A 26 -18.32 16.78 16.20
N ASN A 27 -18.72 17.88 15.57
CA ASN A 27 -20.06 17.97 14.96
C ASN A 27 -19.85 18.17 13.48
N TRP A 28 -20.90 18.01 12.66
CA TRP A 28 -20.68 18.16 11.24
C TRP A 28 -20.23 19.51 10.72
N GLU A 29 -20.56 20.58 11.46
CA GLU A 29 -20.18 21.91 11.04
C GLU A 29 -18.68 22.15 11.23
N THR A 30 -18.04 21.83 12.37
CA THR A 30 -16.62 22.09 12.41
C THR A 30 -16.03 20.98 11.55
N PHE A 31 -16.65 19.81 11.24
CA PHE A 31 -16.01 18.85 10.33
C PHE A 31 -15.90 19.47 8.93
N GLU A 32 -16.97 20.14 8.42
CA GLU A 32 -16.91 20.78 7.10
C GLU A 32 -15.87 21.90 7.04
N ASN A 33 -15.69 22.68 8.12
CA ASN A 33 -14.65 23.71 8.10
C ASN A 33 -13.25 23.08 8.14
N ASP A 34 -13.04 21.92 8.83
CA ASP A 34 -11.74 21.22 8.86
C ASP A 34 -11.42 20.73 7.43
N LEU A 35 -12.40 20.25 6.64
CA LEU A 35 -12.10 19.81 5.28
C LEU A 35 -11.74 20.99 4.41
N ARG A 36 -12.30 22.20 4.64
CA ARG A 36 -11.92 23.36 3.82
C ARG A 36 -10.49 23.73 4.21
N TRP A 37 -10.14 23.59 5.50
CA TRP A 37 -8.79 23.87 5.98
C TRP A 37 -7.85 22.85 5.35
N ALA A 38 -8.23 21.57 5.31
CA ALA A 38 -7.41 20.53 4.74
C ALA A 38 -7.10 20.78 3.28
N LYS A 39 -8.11 21.23 2.53
CA LYS A 39 -7.89 21.46 1.13
C LYS A 39 -6.98 22.64 0.87
N GLN A 40 -6.98 23.68 1.73
CA GLN A 40 -6.07 24.80 1.54
C GLN A 40 -4.62 24.36 1.76
N ASN A 41 -4.37 23.23 2.47
CA ASN A 41 -3.04 22.73 2.71
C ASN A 41 -2.59 21.61 1.76
N GLY A 42 -3.18 21.46 0.57
CA GLY A 42 -2.79 20.46 -0.40
C GLY A 42 -3.52 19.11 -0.40
N PHE A 43 -4.50 18.82 0.48
CA PHE A 43 -5.16 17.54 0.46
C PHE A 43 -6.27 17.54 -0.58
N TYR A 44 -6.31 16.44 -1.34
CA TYR A 44 -7.26 16.24 -2.38
C TYR A 44 -8.52 15.53 -1.95
N ALA A 45 -8.42 14.59 -1.03
CA ALA A 45 -9.61 13.84 -0.61
C ALA A 45 -9.42 13.18 0.74
N ILE A 46 -10.51 12.73 1.34
CA ILE A 46 -10.41 12.08 2.62
C ILE A 46 -10.81 10.63 2.45
N THR A 47 -10.03 9.69 3.01
CA THR A 47 -10.36 8.28 2.93
C THR A 47 -11.07 7.94 4.25
N VAL A 48 -12.10 7.09 4.19
CA VAL A 48 -12.84 6.78 5.40
C VAL A 48 -13.31 5.36 5.39
N ASP A 49 -13.31 4.74 6.57
CA ASP A 49 -13.81 3.39 6.70
C ASP A 49 -15.33 3.37 6.90
N PHE A 50 -16.04 2.54 6.13
CA PHE A 50 -17.48 2.35 6.33
C PHE A 50 -17.45 0.88 6.77
N TRP A 51 -17.68 0.60 8.07
CA TRP A 51 -17.62 -0.74 8.64
C TRP A 51 -18.78 -1.65 8.30
N TRP A 52 -18.49 -2.95 8.13
CA TRP A 52 -19.52 -3.94 7.80
C TRP A 52 -20.43 -4.18 8.99
N GLY A 53 -19.88 -4.12 10.18
CA GLY A 53 -20.65 -4.33 11.40
C GLY A 53 -21.70 -3.25 11.63
N ASP A 54 -21.59 -2.10 10.91
CA ASP A 54 -22.54 -0.99 10.98
C ASP A 54 -23.55 -0.99 9.81
N MET A 55 -23.08 -1.33 8.59
CA MET A 55 -23.91 -1.37 7.40
C MET A 55 -24.83 -2.55 7.19
N GLU A 56 -24.72 -3.63 7.95
CA GLU A 56 -25.54 -4.81 7.80
C GLU A 56 -25.47 -5.57 9.10
N LYS A 57 -25.70 -4.86 10.18
CA LYS A 57 -25.65 -5.39 11.53
C LYS A 57 -26.71 -6.38 11.99
N ASN A 58 -27.98 -6.09 11.74
CA ASN A 58 -29.09 -6.93 12.22
C ASN A 58 -29.38 -8.29 11.63
N GLY A 59 -29.13 -8.42 10.33
CA GLY A 59 -29.35 -9.66 9.65
C GLY A 59 -28.96 -9.49 8.20
N ASP A 60 -28.96 -10.63 7.52
CA ASP A 60 -28.61 -10.69 6.11
C ASP A 60 -29.66 -9.91 5.35
N GLN A 61 -29.09 -9.09 4.47
CA GLN A 61 -29.83 -8.19 3.61
C GLN A 61 -30.56 -7.07 4.35
N GLN A 62 -30.34 -6.90 5.68
CA GLN A 62 -30.99 -5.82 6.43
C GLN A 62 -29.95 -4.69 6.52
N PHE A 63 -29.84 -3.88 5.46
CA PHE A 63 -28.89 -2.77 5.30
C PHE A 63 -29.25 -1.36 5.79
N ASP A 64 -28.22 -0.65 6.28
CA ASP A 64 -28.31 0.73 6.77
C ASP A 64 -27.13 1.60 6.29
N PHE A 65 -27.32 2.36 5.19
CA PHE A 65 -26.30 3.25 4.65
C PHE A 65 -26.51 4.71 5.02
N SER A 66 -27.32 5.01 6.04
CA SER A 66 -27.59 6.38 6.47
C SER A 66 -26.36 7.13 6.93
N TYR A 67 -25.41 6.53 7.69
CA TYR A 67 -24.19 7.24 8.11
C TYR A 67 -23.33 7.48 6.87
N ALA A 68 -23.22 6.55 5.91
CA ALA A 68 -22.40 6.79 4.72
C ALA A 68 -22.95 7.90 3.84
N GLN A 69 -24.29 8.07 3.75
CA GLN A 69 -24.86 9.14 2.91
C GLN A 69 -24.69 10.51 3.56
N ARG A 70 -24.80 10.55 4.90
CA ARG A 70 -24.67 11.79 5.66
C ARG A 70 -23.20 12.24 5.66
N PHE A 71 -22.25 11.30 5.67
CA PHE A 71 -20.84 11.71 5.60
C PHE A 71 -20.60 12.29 4.19
N ALA A 72 -21.09 11.62 3.13
CA ALA A 72 -20.88 12.06 1.76
C ALA A 72 -21.45 13.45 1.45
N GLN A 73 -22.62 13.79 2.05
CA GLN A 73 -23.27 15.11 1.93
C GLN A 73 -22.37 16.18 2.55
N SER A 74 -21.75 16.00 3.75
CA SER A 74 -20.86 17.04 4.29
C SER A 74 -19.61 17.20 3.46
N VAL A 75 -19.11 16.13 2.77
CA VAL A 75 -17.93 16.23 1.91
C VAL A 75 -18.30 17.10 0.70
N LYS A 76 -19.53 16.90 0.19
CA LYS A 76 -20.12 17.64 -0.92
C LYS A 76 -20.13 19.13 -0.55
N ASN A 77 -20.69 19.46 0.62
CA ASN A 77 -20.76 20.82 1.12
C ASN A 77 -19.42 21.49 1.31
N ALA A 78 -18.37 20.77 1.75
CA ALA A 78 -17.06 21.35 1.94
C ALA A 78 -16.30 21.44 0.62
N GLY A 79 -16.82 20.89 -0.48
CA GLY A 79 -16.13 20.93 -1.79
C GLY A 79 -14.95 19.94 -1.96
N MET A 80 -14.93 18.80 -1.25
CA MET A 80 -13.86 17.83 -1.35
C MET A 80 -14.33 16.53 -1.93
N LYS A 81 -13.41 15.57 -2.10
CA LYS A 81 -13.70 14.23 -2.60
C LYS A 81 -13.45 13.22 -1.48
N MET A 82 -14.02 12.04 -1.56
CA MET A 82 -13.78 11.04 -0.56
C MET A 82 -13.42 9.75 -1.28
N ILE A 83 -12.82 8.86 -0.48
CA ILE A 83 -12.45 7.57 -0.99
C ILE A 83 -12.96 6.62 0.06
N PRO A 84 -14.10 5.95 -0.11
CA PRO A 84 -14.59 4.99 0.85
C PRO A 84 -13.78 3.72 0.90
N ILE A 85 -13.72 3.07 2.05
CA ILE A 85 -13.06 1.79 2.24
C ILE A 85 -14.23 0.88 2.67
N ILE A 86 -14.56 -0.19 1.93
CA ILE A 86 -15.62 -1.09 2.29
C ILE A 86 -14.94 -2.07 3.20
N SER A 87 -14.95 -1.70 4.47
CA SER A 87 -14.30 -2.46 5.52
C SER A 87 -15.01 -3.65 6.08
N THR A 88 -14.66 -4.78 5.48
CA THR A 88 -15.20 -6.05 5.88
C THR A 88 -14.40 -6.76 6.96
N HIS A 89 -13.58 -6.00 7.70
CA HIS A 89 -12.76 -6.50 8.79
C HIS A 89 -13.17 -5.77 10.09
N GLN A 90 -12.70 -6.30 11.24
CA GLN A 90 -12.96 -5.74 12.53
C GLN A 90 -12.15 -4.50 12.87
N CYS A 91 -12.78 -3.54 13.56
CA CYS A 91 -12.10 -2.32 14.00
C CYS A 91 -11.84 -2.65 15.46
N GLY A 92 -10.60 -2.63 15.94
CA GLY A 92 -10.34 -2.99 17.33
C GLY A 92 -9.38 -4.19 17.35
N GLY A 93 -8.34 -4.13 18.19
CA GLY A 93 -7.36 -5.22 18.24
C GLY A 93 -6.02 -4.92 17.54
N ASN A 94 -5.94 -3.98 16.57
CA ASN A 94 -4.66 -3.67 15.93
C ASN A 94 -4.04 -2.33 16.38
N VAL A 95 -2.80 -2.01 15.93
CA VAL A 95 -2.06 -0.78 16.26
C VAL A 95 -2.74 0.50 15.81
N GLY A 96 -3.07 1.28 16.86
CA GLY A 96 -3.69 2.58 16.66
C GLY A 96 -5.21 2.60 16.73
N ASP A 97 -5.82 1.42 16.77
CA ASP A 97 -7.27 1.33 16.84
C ASP A 97 -7.78 1.73 18.20
N ASP A 98 -8.82 2.53 18.07
CA ASP A 98 -9.54 3.07 19.20
C ASP A 98 -10.97 3.15 18.66
N CYS A 99 -11.56 1.96 18.61
CA CYS A 99 -12.91 1.75 18.09
C CYS A 99 -13.23 0.32 18.44
N ASN A 100 -14.46 -0.11 18.24
CA ASN A 100 -14.79 -1.48 18.50
C ASN A 100 -16.00 -1.89 17.68
N VAL A 101 -15.70 -2.28 16.44
CA VAL A 101 -16.75 -2.69 15.54
C VAL A 101 -16.45 -4.08 14.99
N PRO A 102 -16.90 -5.20 15.58
CA PRO A 102 -16.80 -6.54 15.01
C PRO A 102 -17.57 -6.72 13.73
N ILE A 103 -17.33 -7.76 12.90
CA ILE A 103 -18.13 -7.92 11.69
C ILE A 103 -19.47 -8.48 12.18
N PRO A 104 -20.58 -8.44 11.44
CA PRO A 104 -21.88 -8.91 11.89
C PRO A 104 -21.88 -10.33 12.46
N SER A 105 -22.35 -10.46 13.70
CA SER A 105 -22.44 -11.72 14.45
C SER A 105 -23.10 -12.94 13.82
N TRP A 106 -24.09 -12.63 12.97
CA TRP A 106 -24.85 -13.61 12.23
C TRP A 106 -24.07 -14.27 11.08
N VAL A 107 -22.98 -13.66 10.57
CA VAL A 107 -22.23 -14.28 9.49
C VAL A 107 -21.64 -15.60 9.97
N TRP A 108 -21.23 -15.71 11.24
CA TRP A 108 -20.65 -16.93 11.79
C TRP A 108 -21.61 -18.12 11.92
N ASN A 109 -22.92 -17.89 11.84
CA ASN A 109 -23.92 -18.96 11.95
C ASN A 109 -24.30 -19.56 10.62
N GLN A 110 -23.72 -19.08 9.52
CA GLN A 110 -24.05 -19.63 8.22
C GLN A 110 -23.42 -20.97 7.90
N LYS A 111 -22.48 -21.46 8.76
CA LYS A 111 -21.76 -22.73 8.62
C LYS A 111 -21.61 -23.47 9.94
N SER A 112 -21.55 -24.81 9.88
CA SER A 112 -21.40 -25.63 11.08
C SER A 112 -19.97 -26.14 11.28
N ASP A 113 -19.12 -26.07 10.24
CA ASP A 113 -17.74 -26.49 10.29
C ASP A 113 -16.83 -25.37 10.73
N ASP A 114 -15.52 -25.52 10.46
CA ASP A 114 -14.61 -24.45 10.84
C ASP A 114 -13.95 -23.80 9.63
N SER A 115 -14.75 -23.75 8.56
CA SER A 115 -14.33 -23.13 7.34
C SER A 115 -14.26 -21.60 7.36
N LEU A 116 -14.92 -20.92 8.30
CA LEU A 116 -14.94 -19.45 8.31
C LEU A 116 -13.91 -18.69 9.12
N TYR A 117 -13.28 -19.25 10.12
CA TYR A 117 -12.32 -18.51 10.86
C TYR A 117 -10.91 -19.11 10.71
N PHE A 118 -9.90 -18.58 11.44
CA PHE A 118 -8.54 -19.06 11.38
C PHE A 118 -8.18 -19.69 12.70
N LYS A 119 -7.13 -20.52 12.69
CA LYS A 119 -6.60 -21.18 13.90
C LYS A 119 -5.10 -21.28 13.69
N SER A 120 -4.29 -20.91 14.67
CA SER A 120 -2.83 -20.95 14.54
C SER A 120 -2.15 -22.26 14.94
N GLU A 121 -0.84 -22.25 14.71
CA GLU A 121 -0.01 -23.40 15.03
C GLU A 121 -0.29 -23.93 16.43
N THR A 122 -0.58 -23.02 17.39
CA THR A 122 -0.84 -23.38 18.78
C THR A 122 -2.30 -23.34 19.23
N GLY A 123 -3.29 -23.41 18.32
CA GLY A 123 -4.70 -23.42 18.69
C GLY A 123 -5.41 -22.07 18.83
N THR A 124 -4.77 -20.92 18.70
CA THR A 124 -5.46 -19.65 18.85
C THR A 124 -6.42 -19.37 17.72
N VAL A 125 -7.70 -19.16 18.02
CA VAL A 125 -8.70 -18.85 17.02
C VAL A 125 -8.79 -17.34 16.72
N ASN A 126 -8.93 -16.95 15.47
CA ASN A 126 -9.05 -15.56 15.09
C ASN A 126 -10.31 -15.42 14.25
N LYS A 127 -11.06 -14.37 14.54
CA LYS A 127 -12.30 -14.06 13.87
C LYS A 127 -12.41 -12.58 13.51
N GLU A 128 -11.32 -11.95 13.07
CA GLU A 128 -11.26 -10.54 12.69
C GLU A 128 -11.80 -10.32 11.30
N THR A 129 -11.70 -11.36 10.48
CA THR A 129 -12.14 -11.24 9.12
C THR A 129 -12.48 -12.68 8.75
N LEU A 130 -13.18 -12.80 7.61
CA LEU A 130 -13.58 -14.10 7.04
C LEU A 130 -12.41 -14.79 6.35
N ASN A 131 -12.25 -16.08 6.58
CA ASN A 131 -11.19 -16.90 6.00
C ASN A 131 -11.33 -16.97 4.50
N PRO A 132 -10.34 -16.53 3.69
CA PRO A 132 -10.48 -16.42 2.25
C PRO A 132 -10.66 -17.75 1.53
N LEU A 133 -10.56 -18.86 2.30
CA LEU A 133 -10.74 -20.21 1.82
C LEU A 133 -12.25 -20.46 1.69
N ALA A 134 -13.15 -19.79 2.46
CA ALA A 134 -14.61 -19.98 2.35
C ALA A 134 -15.12 -19.03 1.23
N SER A 135 -14.66 -19.25 -0.02
CA SER A 135 -15.02 -18.39 -1.12
C SER A 135 -16.46 -18.37 -1.60
N ASP A 136 -17.26 -19.34 -1.10
CA ASP A 136 -18.68 -19.41 -1.43
C ASP A 136 -19.50 -18.43 -0.58
N VAL A 137 -19.14 -18.28 0.71
CA VAL A 137 -19.78 -17.36 1.62
C VAL A 137 -19.25 -16.00 1.18
N ILE A 138 -17.94 -15.84 0.81
CA ILE A 138 -17.39 -14.55 0.37
C ILE A 138 -18.03 -14.06 -0.92
N ARG A 139 -18.22 -14.91 -1.94
CA ARG A 139 -18.87 -14.46 -3.15
C ARG A 139 -20.31 -14.02 -2.85
N LYS A 140 -21.04 -14.75 -2.00
CA LYS A 140 -22.41 -14.39 -1.66
C LYS A 140 -22.47 -13.06 -0.88
N GLU A 141 -21.90 -12.99 0.33
CA GLU A 141 -21.93 -11.79 1.14
C GLU A 141 -21.26 -10.55 0.61
N TYR A 142 -20.04 -10.61 0.05
CA TYR A 142 -19.38 -9.42 -0.45
C TYR A 142 -20.11 -8.99 -1.67
N GLY A 143 -20.56 -9.95 -2.49
CA GLY A 143 -21.30 -9.63 -3.69
C GLY A 143 -22.53 -8.75 -3.39
N GLU A 144 -23.34 -9.15 -2.39
CA GLU A 144 -24.55 -8.43 -1.97
C GLU A 144 -24.21 -7.09 -1.37
N LEU A 145 -23.17 -7.07 -0.49
CA LEU A 145 -22.76 -5.82 0.14
C LEU A 145 -22.24 -4.85 -0.88
N TYR A 146 -21.47 -5.20 -1.91
CA TYR A 146 -20.98 -4.21 -2.86
C TYR A 146 -22.07 -3.63 -3.76
N THR A 147 -23.08 -4.45 -4.11
CA THR A 147 -24.13 -3.97 -5.00
C THR A 147 -25.13 -3.13 -4.23
N ALA A 148 -25.44 -3.44 -2.95
CA ALA A 148 -26.37 -2.61 -2.17
C ALA A 148 -25.75 -1.23 -1.90
N PHE A 149 -24.41 -1.19 -1.78
CA PHE A 149 -23.67 0.05 -1.56
C PHE A 149 -23.68 0.92 -2.81
N ALA A 150 -23.46 0.34 -3.99
CA ALA A 150 -23.45 1.14 -5.21
C ALA A 150 -24.81 1.79 -5.47
N ALA A 151 -25.92 1.10 -5.15
CA ALA A 151 -27.27 1.64 -5.36
C ALA A 151 -27.66 2.75 -4.39
N ALA A 152 -27.09 2.68 -3.18
CA ALA A 152 -27.34 3.66 -2.13
C ALA A 152 -26.45 4.91 -2.24
N MET A 153 -25.26 4.77 -2.84
CA MET A 153 -24.35 5.90 -2.94
C MET A 153 -24.31 6.40 -4.33
N LYS A 154 -25.20 5.88 -5.18
CA LYS A 154 -25.26 6.37 -6.57
C LYS A 154 -25.50 7.89 -6.66
N PRO A 155 -26.32 8.60 -5.82
CA PRO A 155 -26.38 10.07 -5.72
C PRO A 155 -25.10 10.89 -5.49
N TYR A 156 -24.15 10.29 -4.77
CA TYR A 156 -22.89 10.93 -4.46
C TYR A 156 -21.74 10.53 -5.36
N LYS A 157 -21.97 10.06 -6.58
CA LYS A 157 -20.87 9.62 -7.43
C LYS A 157 -19.85 10.66 -7.85
N ASP A 158 -20.27 11.91 -7.83
CA ASP A 158 -19.40 13.00 -8.22
C ASP A 158 -18.43 13.40 -7.12
N VAL A 159 -18.66 12.94 -5.90
CA VAL A 159 -17.81 13.20 -4.74
C VAL A 159 -16.89 11.98 -4.49
N ILE A 160 -17.09 10.82 -5.16
CA ILE A 160 -16.26 9.63 -5.00
C ILE A 160 -15.07 9.60 -5.98
N ALA A 161 -13.83 9.73 -5.52
CA ALA A 161 -12.67 9.69 -6.39
C ALA A 161 -12.04 8.30 -6.63
N LYS A 162 -12.19 7.37 -5.68
CA LYS A 162 -11.64 6.01 -5.74
C LYS A 162 -12.39 5.11 -4.79
N ILE A 163 -12.24 3.79 -4.89
CA ILE A 163 -12.89 2.91 -3.94
C ILE A 163 -11.92 1.89 -3.39
N TYR A 164 -11.77 1.72 -2.08
CA TYR A 164 -10.85 0.71 -1.57
C TYR A 164 -11.54 -0.51 -1.01
N LEU A 165 -10.93 -1.69 -1.22
CA LEU A 165 -11.46 -2.96 -0.74
C LEU A 165 -10.70 -3.47 0.48
N SER A 166 -11.30 -4.28 1.37
CA SER A 166 -10.60 -4.82 2.50
C SER A 166 -10.30 -6.27 2.17
N GLY A 167 -9.00 -6.64 2.15
CA GLY A 167 -8.58 -7.99 1.83
C GLY A 167 -8.28 -8.87 3.02
N GLY A 168 -8.44 -8.39 4.24
CA GLY A 168 -8.15 -9.20 5.42
C GLY A 168 -8.02 -8.26 6.61
N PRO A 169 -7.33 -8.63 7.71
CA PRO A 169 -7.17 -7.92 8.97
C PRO A 169 -6.66 -6.51 8.79
N ALA A 170 -7.11 -5.49 9.54
CA ALA A 170 -6.70 -4.09 9.38
C ALA A 170 -6.79 -3.57 7.96
N GLY A 171 -7.61 -4.20 7.12
CA GLY A 171 -7.86 -3.84 5.75
C GLY A 171 -6.77 -4.20 4.77
N GLU A 172 -5.87 -5.14 5.11
CA GLU A 172 -4.76 -5.55 4.25
C GLU A 172 -4.88 -6.99 3.76
N LEU A 173 -4.41 -7.34 2.56
CA LEU A 173 -4.48 -8.71 2.07
C LEU A 173 -3.43 -9.51 2.82
N ARG A 174 -3.78 -10.30 3.85
CA ARG A 174 -2.78 -11.05 4.59
C ARG A 174 -3.48 -11.91 5.59
N TYR A 175 -2.68 -12.74 6.29
CA TYR A 175 -3.22 -13.60 7.32
C TYR A 175 -3.02 -12.91 8.68
N PRO A 176 -3.81 -13.20 9.72
CA PRO A 176 -3.63 -12.59 11.05
C PRO A 176 -2.49 -13.25 11.84
N SER A 177 -1.23 -13.18 11.29
CA SER A 177 -0.11 -13.82 11.96
C SER A 177 0.60 -13.08 13.08
N TYR A 178 0.42 -11.77 13.24
CA TYR A 178 1.00 -11.00 14.34
C TYR A 178 -0.08 -10.41 15.27
N THR A 179 -0.48 -11.12 16.33
CA THR A 179 -1.49 -10.61 17.22
C THR A 179 -1.12 -10.94 18.67
N THR A 180 -1.58 -10.09 19.62
CA THR A 180 -1.31 -10.24 21.04
C THR A 180 -1.69 -11.56 21.67
N SER A 181 -2.87 -12.10 21.42
CA SER A 181 -3.27 -13.38 22.02
C SER A 181 -2.54 -14.64 21.56
N ASP A 182 -1.96 -14.61 20.36
CA ASP A 182 -1.22 -15.72 19.82
C ASP A 182 0.25 -15.61 20.26
N GLY A 183 0.70 -14.50 20.87
CA GLY A 183 2.07 -14.32 21.29
C GLY A 183 2.95 -14.01 20.09
N THR A 184 2.38 -13.38 19.06
CA THR A 184 3.17 -13.08 17.85
C THR A 184 3.26 -11.63 17.46
N GLY A 185 3.00 -10.75 18.44
CA GLY A 185 3.09 -9.30 18.18
C GLY A 185 4.53 -8.84 17.94
N TYR A 186 4.74 -7.68 17.29
CA TYR A 186 6.06 -7.14 16.98
C TYR A 186 6.98 -7.15 18.20
N PRO A 187 8.30 -7.50 18.10
CA PRO A 187 9.04 -7.86 16.89
C PRO A 187 9.24 -9.36 16.65
N SER A 188 8.37 -10.13 17.30
CA SER A 188 8.39 -11.58 17.24
C SER A 188 8.09 -12.26 15.89
N ARG A 189 8.44 -13.55 15.76
CA ARG A 189 8.17 -14.29 14.53
C ARG A 189 6.65 -14.52 14.43
N GLY A 190 6.09 -14.67 13.23
CA GLY A 190 4.66 -14.90 13.10
C GLY A 190 4.34 -16.37 13.21
N LYS A 191 3.08 -16.75 13.42
CA LYS A 191 2.70 -18.14 13.45
C LYS A 191 1.83 -18.38 12.21
N PHE A 192 1.95 -19.55 11.53
CA PHE A 192 1.15 -19.92 10.40
C PHE A 192 -0.30 -20.07 10.86
N GLN A 193 -1.23 -19.74 9.96
CA GLN A 193 -2.66 -19.75 10.21
C GLN A 193 -3.46 -20.70 9.34
N ALA A 194 -3.03 -21.95 9.21
CA ALA A 194 -3.71 -22.94 8.41
C ALA A 194 -4.02 -24.21 9.20
N TYR A 195 -4.46 -24.09 10.46
CA TYR A 195 -4.69 -25.27 11.27
C TYR A 195 -6.11 -25.69 11.63
N THR A 196 -7.06 -25.15 10.85
CA THR A 196 -8.45 -25.50 11.02
C THR A 196 -8.60 -26.83 10.27
N GLU A 197 -9.61 -27.67 10.59
CA GLU A 197 -9.80 -28.92 9.88
C GLU A 197 -10.05 -28.67 8.43
N PHE A 198 -10.73 -27.57 8.08
CA PHE A 198 -11.01 -27.27 6.69
C PHE A 198 -9.74 -26.90 5.94
N ALA A 199 -8.83 -26.10 6.49
CA ALA A 199 -7.59 -25.74 5.81
C ALA A 199 -6.73 -26.98 5.62
N LYS A 200 -6.65 -27.90 6.59
CA LYS A 200 -5.85 -29.12 6.42
C LYS A 200 -6.36 -29.96 5.27
N SER A 201 -7.70 -30.06 5.11
CA SER A 201 -8.35 -30.80 4.04
C SER A 201 -8.09 -30.17 2.70
N LYS A 202 -8.15 -28.82 2.66
CA LYS A 202 -7.88 -28.10 1.44
C LYS A 202 -6.42 -28.23 1.02
N PHE A 203 -5.45 -28.18 1.93
CA PHE A 203 -4.05 -28.36 1.58
C PHE A 203 -3.92 -29.79 1.02
N ARG A 204 -4.48 -30.81 1.71
CA ARG A 204 -4.41 -32.21 1.30
C ARG A 204 -4.98 -32.45 -0.09
N LEU A 205 -6.13 -31.86 -0.42
CA LEU A 205 -6.69 -32.01 -1.74
C LEU A 205 -5.88 -31.32 -2.83
N TRP A 206 -5.20 -30.20 -2.61
CA TRP A 206 -4.43 -29.51 -3.65
C TRP A 206 -3.17 -30.29 -3.97
N VAL A 207 -2.53 -30.90 -2.97
CA VAL A 207 -1.32 -31.71 -3.16
C VAL A 207 -1.70 -32.92 -4.01
N LEU A 208 -2.73 -33.67 -3.61
CA LEU A 208 -3.17 -34.83 -4.37
C LEU A 208 -3.65 -34.44 -5.76
N ASN A 209 -4.04 -33.17 -5.97
CA ASN A 209 -4.46 -32.79 -7.29
C ASN A 209 -3.22 -32.53 -8.13
N LYS A 210 -2.21 -31.89 -7.53
CA LYS A 210 -0.99 -31.57 -8.22
C LYS A 210 -0.28 -32.83 -8.67
N TYR A 211 -0.15 -33.82 -7.80
CA TYR A 211 0.55 -35.07 -8.09
C TYR A 211 -0.32 -36.25 -8.49
N GLY A 212 -1.54 -36.44 -8.02
CA GLY A 212 -2.28 -37.57 -8.47
C GLY A 212 -2.50 -38.55 -7.37
N SER A 213 -1.45 -39.14 -6.82
CA SER A 213 -1.59 -40.11 -5.73
C SER A 213 -0.50 -39.97 -4.66
N LEU A 214 -0.67 -40.58 -3.46
CA LEU A 214 0.34 -40.50 -2.41
C LEU A 214 1.74 -40.88 -2.88
N ASN A 215 1.75 -41.84 -3.77
CA ASN A 215 2.93 -42.39 -4.40
C ASN A 215 3.81 -41.34 -5.07
N GLU A 216 3.16 -40.49 -5.86
CA GLU A 216 3.81 -39.42 -6.59
C GLU A 216 4.17 -38.28 -5.67
N VAL A 217 3.50 -38.17 -4.53
CA VAL A 217 3.79 -37.15 -3.54
C VAL A 217 5.12 -37.59 -2.96
N ASN A 218 5.23 -38.79 -2.37
CA ASN A 218 6.51 -39.30 -1.82
C ASN A 218 7.63 -39.21 -2.82
N LYS A 219 7.45 -39.47 -4.10
CA LYS A 219 8.53 -39.36 -5.07
C LYS A 219 8.92 -37.91 -5.29
N ALA A 220 8.00 -36.98 -5.22
CA ALA A 220 8.40 -35.60 -5.45
C ALA A 220 8.97 -34.96 -4.21
N TRP A 221 8.41 -35.23 -3.04
CA TRP A 221 8.91 -34.61 -1.85
C TRP A 221 10.12 -35.35 -1.30
N GLY A 222 10.30 -36.60 -1.75
CA GLY A 222 11.40 -37.45 -1.31
C GLY A 222 11.11 -37.93 0.12
N THR A 223 9.85 -38.21 0.35
CA THR A 223 9.40 -38.60 1.65
C THR A 223 8.94 -40.07 1.76
N LYS A 224 8.47 -40.53 2.93
CA LYS A 224 8.03 -41.91 3.11
C LYS A 224 6.71 -41.91 3.84
N LEU A 225 5.82 -41.02 3.40
CA LEU A 225 4.48 -40.91 3.97
C LEU A 225 3.70 -42.22 3.79
N ILE A 226 3.16 -42.62 4.92
CA ILE A 226 2.37 -43.84 5.08
C ILE A 226 0.93 -43.91 4.55
N SER A 227 0.23 -42.81 4.82
CA SER A 227 -1.15 -42.63 4.49
C SER A 227 -1.36 -41.21 4.01
N GLU A 228 -2.51 -40.98 3.38
CA GLU A 228 -2.83 -39.67 2.86
C GLU A 228 -3.13 -38.73 3.99
N LEU A 229 -3.52 -39.22 5.16
CA LEU A 229 -3.80 -38.37 6.32
C LEU A 229 -2.55 -37.72 6.89
N ALA A 230 -1.38 -38.19 6.48
CA ALA A 230 -0.13 -37.67 6.94
C ALA A 230 0.34 -36.46 6.15
N ILE A 231 -0.47 -35.97 5.19
CA ILE A 231 -0.12 -34.77 4.39
C ILE A 231 -0.82 -33.67 5.22
N LEU A 232 0.05 -32.92 5.94
CA LEU A 232 -0.31 -31.85 6.87
C LEU A 232 0.44 -30.51 6.69
N PRO A 233 0.00 -29.36 7.27
CA PRO A 233 0.80 -28.15 7.41
C PRO A 233 1.88 -28.46 8.44
N PRO A 234 2.94 -27.63 8.56
CA PRO A 234 4.04 -27.86 9.49
C PRO A 234 3.63 -28.01 10.94
N SER A 235 4.14 -29.03 11.59
CA SER A 235 3.86 -29.25 12.99
C SER A 235 4.70 -28.34 13.86
N ASP A 236 5.79 -27.79 13.32
CA ASP A 236 6.67 -26.87 14.02
C ASP A 236 7.02 -25.74 13.07
N GLY A 237 6.51 -24.53 13.29
CA GLY A 237 6.78 -23.41 12.39
C GLY A 237 8.17 -22.82 12.45
N GLU A 238 8.77 -22.94 13.61
CA GLU A 238 10.10 -22.44 13.84
C GLU A 238 11.10 -23.24 13.04
N GLN A 239 11.03 -24.58 13.14
CA GLN A 239 11.89 -25.51 12.43
C GLN A 239 11.61 -25.29 10.96
N PHE A 240 10.34 -25.12 10.57
CA PHE A 240 10.02 -24.87 9.18
C PHE A 240 10.70 -23.58 8.71
N LEU A 241 10.70 -22.48 9.47
CA LEU A 241 11.34 -21.25 9.03
C LEU A 241 12.87 -21.27 9.13
N MET A 242 13.46 -22.18 9.93
CA MET A 242 14.90 -22.30 10.06
C MET A 242 15.45 -23.02 8.83
N ASN A 243 14.76 -24.07 8.36
CA ASN A 243 15.23 -24.81 7.17
C ASN A 243 14.27 -25.70 6.36
N GLY A 244 13.03 -26.00 6.83
CA GLY A 244 12.07 -26.82 6.09
C GLY A 244 11.60 -26.17 4.80
N TYR A 245 11.69 -24.84 4.79
CA TYR A 245 11.28 -24.03 3.66
C TYR A 245 12.11 -24.26 2.42
N LEU A 246 13.31 -24.81 2.60
CA LEU A 246 14.19 -25.04 1.47
C LEU A 246 13.85 -26.35 0.82
N SER A 247 13.12 -27.28 1.46
CA SER A 247 12.81 -28.53 0.82
C SER A 247 11.73 -28.43 -0.23
N MET A 248 11.41 -29.51 -0.96
CA MET A 248 10.39 -29.44 -1.99
C MET A 248 8.99 -29.36 -1.38
N TYR A 249 8.80 -29.95 -0.21
CA TYR A 249 7.56 -29.89 0.53
C TYR A 249 7.39 -28.41 0.84
N GLY A 250 8.42 -27.80 1.45
CA GLY A 250 8.40 -26.39 1.84
C GLY A 250 7.96 -25.46 0.73
N LYS A 251 8.53 -25.58 -0.45
CA LYS A 251 8.14 -24.75 -1.57
C LYS A 251 6.70 -25.01 -2.01
N ASP A 252 6.15 -26.26 -1.91
CA ASP A 252 4.77 -26.51 -2.30
C ASP A 252 3.86 -25.99 -1.24
N TYR A 253 4.19 -26.06 0.06
CA TYR A 253 3.31 -25.53 1.10
C TYR A 253 3.24 -24.01 0.97
N LEU A 254 4.35 -23.26 0.74
CA LEU A 254 4.27 -21.82 0.63
C LEU A 254 3.58 -21.39 -0.66
N GLU A 255 3.59 -22.17 -1.74
CA GLU A 255 2.90 -21.87 -2.97
C GLU A 255 1.40 -21.98 -2.68
N TRP A 256 0.90 -23.01 -1.99
CA TRP A 256 -0.52 -23.10 -1.67
C TRP A 256 -0.92 -22.01 -0.69
N TYR A 257 -0.20 -21.75 0.42
CA TYR A 257 -0.51 -20.73 1.43
C TYR A 257 -0.63 -19.36 0.83
N GLN A 258 0.36 -18.83 0.07
CA GLN A 258 0.27 -17.52 -0.53
C GLN A 258 -0.76 -17.54 -1.64
N GLY A 259 -0.94 -18.70 -2.33
CA GLY A 259 -1.89 -18.90 -3.42
C GLY A 259 -3.33 -18.60 -2.99
N ILE A 260 -3.72 -18.90 -1.76
CA ILE A 260 -5.06 -18.59 -1.30
C ILE A 260 -5.29 -17.06 -1.28
N LEU A 261 -4.30 -16.20 -0.96
CA LEU A 261 -4.48 -14.76 -0.95
C LEU A 261 -4.52 -14.22 -2.38
N GLU A 262 -3.77 -14.83 -3.30
CA GLU A 262 -3.75 -14.42 -4.69
C GLU A 262 -5.09 -14.71 -5.34
N ASN A 263 -5.76 -15.83 -4.99
CA ASN A 263 -7.08 -16.17 -5.53
C ASN A 263 -8.17 -15.31 -4.88
N HIS A 264 -8.04 -14.90 -3.61
CA HIS A 264 -9.01 -14.03 -2.94
C HIS A 264 -8.98 -12.67 -3.65
N THR A 265 -7.78 -12.18 -4.05
CA THR A 265 -7.59 -10.93 -4.74
C THR A 265 -8.37 -10.92 -6.07
N LYS A 266 -8.35 -12.05 -6.77
CA LYS A 266 -9.06 -12.11 -8.04
C LYS A 266 -10.56 -12.18 -7.82
N LEU A 267 -11.06 -12.82 -6.77
CA LEU A 267 -12.49 -12.91 -6.52
C LEU A 267 -13.00 -11.54 -6.12
N ILE A 268 -12.49 -10.92 -5.03
CA ILE A 268 -12.99 -9.59 -4.63
C ILE A 268 -12.73 -8.54 -5.71
N GLY A 269 -11.69 -8.55 -6.54
CA GLY A 269 -11.54 -7.53 -7.58
C GLY A 269 -12.59 -7.74 -8.67
N GLU A 270 -13.12 -8.95 -8.85
CA GLU A 270 -14.11 -9.23 -9.87
C GLU A 270 -15.49 -8.79 -9.39
N LEU A 271 -15.82 -9.06 -8.12
CA LEU A 271 -17.09 -8.65 -7.52
C LEU A 271 -17.17 -7.10 -7.47
N ALA A 272 -16.07 -6.40 -7.16
CA ALA A 272 -16.00 -4.94 -7.12
C ALA A 272 -16.13 -4.32 -8.51
N HIS A 273 -15.42 -4.75 -9.57
CA HIS A 273 -15.61 -4.16 -10.89
C HIS A 273 -17.03 -4.36 -11.44
N ASN A 274 -17.66 -5.50 -11.18
CA ASN A 274 -19.02 -5.78 -11.66
C ASN A 274 -19.99 -4.77 -11.11
N ALA A 275 -19.96 -4.59 -9.78
CA ALA A 275 -20.84 -3.66 -9.06
C ALA A 275 -20.69 -2.15 -9.21
N PHE A 276 -19.44 -1.75 -9.37
CA PHE A 276 -19.11 -0.35 -9.45
C PHE A 276 -18.71 0.22 -10.74
N ASP A 277 -18.09 -0.56 -11.62
CA ASP A 277 -17.62 0.05 -12.86
C ASP A 277 -18.59 0.88 -13.71
N THR A 278 -19.85 0.46 -13.83
CA THR A 278 -20.83 1.21 -14.62
C THR A 278 -21.25 2.50 -13.92
N THR A 279 -21.60 2.34 -12.64
CA THR A 279 -22.07 3.45 -11.84
C THR A 279 -20.99 4.47 -11.54
N PHE A 280 -19.90 4.08 -10.88
CA PHE A 280 -18.87 5.04 -10.56
C PHE A 280 -17.73 5.24 -11.54
N GLN A 281 -17.18 4.24 -12.24
CA GLN A 281 -16.08 4.48 -13.17
C GLN A 281 -14.80 5.11 -12.57
N VAL A 282 -14.50 4.64 -11.35
CA VAL A 282 -13.33 5.07 -10.60
C VAL A 282 -12.33 3.89 -10.44
N PRO A 283 -11.01 4.13 -10.28
CA PRO A 283 -10.00 3.15 -9.86
C PRO A 283 -10.36 2.38 -8.63
N ILE A 284 -10.06 1.08 -8.53
CA ILE A 284 -10.35 0.32 -7.32
C ILE A 284 -9.00 -0.17 -6.80
N GLY A 285 -8.74 -0.31 -5.50
CA GLY A 285 -7.45 -0.77 -5.04
C GLY A 285 -7.50 -1.58 -3.77
N ALA A 286 -6.38 -2.16 -3.33
CA ALA A 286 -6.38 -2.94 -2.10
C ALA A 286 -5.02 -2.69 -1.42
N LYS A 287 -4.76 -3.18 -0.20
CA LYS A 287 -3.50 -2.85 0.46
C LYS A 287 -2.71 -4.05 0.95
N ILE A 288 -1.39 -3.84 0.90
CA ILE A 288 -0.44 -4.83 1.34
C ILE A 288 0.32 -4.27 2.57
N ALA A 289 0.39 -5.08 3.62
CA ALA A 289 1.07 -4.71 4.84
C ALA A 289 2.57 -4.62 4.72
N GLY A 290 3.21 -3.84 5.57
CA GLY A 290 4.65 -3.69 5.57
C GLY A 290 5.19 -4.53 6.74
N VAL A 291 5.41 -5.84 6.55
CA VAL A 291 5.94 -6.68 7.63
C VAL A 291 7.49 -6.60 7.48
N HIS A 292 8.13 -5.63 8.13
CA HIS A 292 9.55 -5.35 8.05
C HIS A 292 10.47 -5.95 9.12
N TRP A 293 9.91 -6.59 10.17
CA TRP A 293 10.70 -7.16 11.24
C TRP A 293 10.99 -8.62 10.90
N GLN A 294 12.09 -9.13 11.44
CA GLN A 294 12.64 -10.47 11.21
C GLN A 294 13.03 -10.65 9.74
N TYR A 295 13.21 -9.57 9.00
CA TYR A 295 13.55 -9.59 7.59
C TYR A 295 14.88 -10.26 7.37
N ASN A 296 15.95 -9.74 7.97
CA ASN A 296 17.29 -10.33 7.81
C ASN A 296 17.76 -11.14 9.02
N ASN A 297 16.85 -11.80 9.76
CA ASN A 297 17.24 -12.63 10.89
C ASN A 297 17.95 -13.85 10.27
N PRO A 298 19.19 -14.18 10.64
CA PRO A 298 19.91 -15.35 10.15
C PRO A 298 19.36 -16.73 10.47
N THR A 299 18.82 -16.90 11.69
CA THR A 299 18.24 -18.18 12.08
C THR A 299 16.91 -18.48 11.38
N ILE A 300 16.00 -17.50 11.33
CA ILE A 300 14.70 -17.68 10.69
C ILE A 300 14.55 -16.61 9.60
N PRO A 301 15.18 -16.61 8.41
CA PRO A 301 15.00 -15.50 7.45
C PRO A 301 13.52 -15.18 7.06
N HIS A 302 13.15 -13.88 6.93
CA HIS A 302 11.77 -13.45 6.60
C HIS A 302 10.71 -14.13 7.44
N GLY A 303 11.10 -14.21 8.71
CA GLY A 303 10.37 -14.85 9.79
C GLY A 303 9.04 -14.30 10.17
N ALA A 304 8.75 -13.06 9.77
CA ALA A 304 7.44 -12.51 10.08
C ALA A 304 6.68 -12.42 8.76
N GLU A 305 7.28 -12.15 7.59
CA GLU A 305 6.57 -12.08 6.34
C GLU A 305 5.92 -13.37 5.89
N LYS A 306 6.69 -14.48 5.92
CA LYS A 306 6.15 -15.74 5.48
C LYS A 306 4.91 -16.24 6.20
N PRO A 307 4.74 -16.31 7.54
CA PRO A 307 3.48 -16.63 8.21
C PRO A 307 2.33 -15.69 7.86
N ALA A 308 2.62 -14.43 7.50
CA ALA A 308 1.60 -13.46 7.12
C ALA A 308 1.14 -13.72 5.72
N GLY A 309 1.83 -14.56 4.93
CA GLY A 309 1.44 -14.89 3.56
C GLY A 309 2.36 -14.37 2.51
N TYR A 310 3.46 -13.70 2.87
CA TYR A 310 4.33 -13.13 1.85
C TYR A 310 5.61 -13.86 1.55
N ASN A 311 5.57 -14.72 0.54
CA ASN A 311 6.76 -15.45 0.16
C ASN A 311 7.43 -14.99 -1.12
N ASP A 312 6.66 -14.58 -2.13
CA ASP A 312 7.23 -14.14 -3.40
C ASP A 312 6.42 -12.93 -3.86
N TYR A 313 6.95 -11.73 -3.62
CA TYR A 313 6.24 -10.52 -3.95
C TYR A 313 5.96 -10.30 -5.38
N SER A 314 6.80 -10.77 -6.27
CA SER A 314 6.53 -10.61 -7.68
C SER A 314 5.28 -11.39 -8.15
N HIS A 315 5.10 -12.63 -7.67
CA HIS A 315 3.94 -13.43 -8.03
C HIS A 315 2.73 -12.83 -7.33
N LEU A 316 2.84 -12.21 -6.11
CA LEU A 316 1.70 -11.59 -5.41
C LEU A 316 1.21 -10.39 -6.21
N LEU A 317 2.07 -9.47 -6.66
CA LEU A 317 1.62 -8.32 -7.44
C LEU A 317 0.98 -8.68 -8.78
N ASP A 318 1.32 -9.85 -9.32
CA ASP A 318 0.73 -10.29 -10.58
C ASP A 318 -0.74 -10.56 -10.40
N ALA A 319 -1.18 -11.02 -9.24
CA ALA A 319 -2.60 -11.22 -9.00
C ALA A 319 -3.29 -9.85 -9.03
N PHE A 320 -2.64 -8.81 -8.51
CA PHE A 320 -3.18 -7.45 -8.50
C PHE A 320 -3.31 -6.93 -9.89
N LYS A 321 -2.30 -7.10 -10.75
CA LYS A 321 -2.40 -6.61 -12.12
C LYS A 321 -3.49 -7.38 -12.89
N SER A 322 -3.74 -8.68 -12.67
CA SER A 322 -4.78 -9.31 -13.43
C SER A 322 -6.19 -9.08 -12.91
N ALA A 323 -6.37 -8.70 -11.63
CA ALA A 323 -7.69 -8.41 -11.07
C ALA A 323 -8.02 -6.95 -11.31
N LYS A 324 -7.10 -6.16 -11.88
CA LYS A 324 -7.24 -4.74 -12.15
C LYS A 324 -7.45 -3.86 -10.92
N LEU A 325 -6.52 -4.04 -9.98
CA LEU A 325 -6.50 -3.29 -8.75
C LEU A 325 -5.19 -2.53 -8.60
N ASP A 326 -5.26 -1.34 -8.00
CA ASP A 326 -4.08 -0.50 -7.76
C ASP A 326 -3.52 -1.01 -6.44
N VAL A 327 -2.28 -0.73 -6.09
CA VAL A 327 -1.75 -1.23 -4.83
C VAL A 327 -1.35 -0.19 -3.80
N THR A 328 -1.56 -0.38 -2.52
CA THR A 328 -1.06 0.59 -1.57
C THR A 328 -0.13 -0.14 -0.61
N PHE A 329 1.09 0.41 -0.45
CA PHE A 329 2.04 -0.18 0.47
C PHE A 329 1.98 0.74 1.71
N THR A 330 1.75 0.15 2.88
CA THR A 330 1.57 0.95 4.06
C THR A 330 2.73 1.27 4.98
N CYS A 331 4.00 1.49 4.52
CA CYS A 331 5.10 1.77 5.47
C CYS A 331 6.26 2.75 5.16
N LEU A 332 6.04 3.88 4.47
CA LEU A 332 7.08 4.83 4.05
C LEU A 332 7.93 5.71 4.94
N GLU A 333 7.60 5.92 6.21
CA GLU A 333 8.39 6.83 7.03
C GLU A 333 9.55 6.29 7.85
N MET A 334 9.81 4.98 7.75
CA MET A 334 10.86 4.37 8.54
C MET A 334 12.20 4.19 7.85
N THR A 335 13.29 4.08 8.64
CA THR A 335 14.61 3.84 8.05
C THR A 335 15.10 2.44 8.37
N ASP A 336 16.11 1.90 7.68
CA ASP A 336 16.62 0.56 7.96
C ASP A 336 17.49 0.44 9.21
N LYS A 337 17.26 -0.65 9.99
CA LYS A 337 18.04 -0.95 11.21
C LYS A 337 18.74 -2.29 11.01
N GLY A 338 18.06 -3.42 10.90
CA GLY A 338 18.73 -4.67 10.63
C GLY A 338 19.51 -5.28 11.76
N SER A 339 19.34 -4.83 12.99
CA SER A 339 20.07 -5.43 14.08
C SER A 339 19.16 -6.16 15.08
N TYR A 340 19.77 -7.09 15.83
CA TYR A 340 19.08 -7.87 16.83
C TYR A 340 18.44 -6.98 17.93
N PRO A 341 17.30 -7.30 18.57
CA PRO A 341 16.41 -8.43 18.27
C PRO A 341 15.34 -8.33 17.20
N GLU A 342 15.17 -7.16 16.59
CA GLU A 342 14.10 -7.00 15.62
C GLU A 342 14.39 -7.32 14.18
N TYR A 343 15.65 -7.13 13.79
CA TYR A 343 16.15 -7.36 12.44
C TYR A 343 15.24 -6.67 11.41
N SER A 344 15.02 -5.38 11.67
CA SER A 344 14.13 -4.56 10.86
C SER A 344 14.65 -3.87 9.63
N MET A 345 13.99 -4.08 8.50
CA MET A 345 14.44 -3.44 7.28
C MET A 345 13.31 -2.86 6.40
N PRO A 346 12.61 -1.78 6.85
CA PRO A 346 11.49 -1.18 6.17
C PRO A 346 11.85 -0.45 4.90
N LYS A 347 12.92 0.36 4.83
CA LYS A 347 13.22 1.05 3.58
C LYS A 347 13.69 0.13 2.47
N THR A 348 14.44 -0.94 2.74
CA THR A 348 14.86 -1.86 1.70
C THR A 348 13.58 -2.48 1.15
N LEU A 349 12.64 -2.85 2.03
CA LEU A 349 11.38 -3.45 1.65
C LEU A 349 10.54 -2.55 0.75
N VAL A 350 10.38 -1.27 1.09
CA VAL A 350 9.62 -0.33 0.28
C VAL A 350 10.30 -0.12 -1.06
N GLN A 351 11.65 -0.12 -1.17
CA GLN A 351 12.33 0.05 -2.45
C GLN A 351 12.10 -1.14 -3.34
N ASN A 352 12.11 -2.35 -2.74
CA ASN A 352 11.88 -3.56 -3.53
C ASN A 352 10.45 -3.65 -4.06
N ILE A 353 9.39 -3.35 -3.27
CA ILE A 353 8.01 -3.41 -3.73
C ILE A 353 7.78 -2.37 -4.85
N ALA A 354 8.35 -1.17 -4.70
CA ALA A 354 8.18 -0.09 -5.67
C ALA A 354 8.81 -0.38 -7.03
N THR A 355 9.97 -1.03 -7.01
CA THR A 355 10.66 -1.41 -8.23
C THR A 355 9.82 -2.45 -9.01
N LEU A 356 9.31 -3.47 -8.31
CA LEU A 356 8.50 -4.53 -8.89
C LEU A 356 7.23 -3.95 -9.46
N ALA A 357 6.56 -3.07 -8.72
CA ALA A 357 5.32 -2.45 -9.17
C ALA A 357 5.55 -1.59 -10.40
N ASN A 358 6.63 -0.80 -10.42
CA ASN A 358 6.89 0.05 -11.57
C ASN A 358 7.30 -0.77 -12.80
N GLU A 359 7.86 -1.97 -12.59
CA GLU A 359 8.23 -2.87 -13.67
C GLU A 359 7.00 -3.48 -14.34
N LYS A 360 6.01 -3.83 -13.52
CA LYS A 360 4.76 -4.45 -13.94
C LYS A 360 3.66 -3.49 -14.38
N GLY A 361 3.90 -2.18 -14.21
CA GLY A 361 2.95 -1.16 -14.57
C GLY A 361 1.75 -1.03 -13.63
N ILE A 362 1.93 -1.25 -12.31
CA ILE A 362 0.86 -1.17 -11.34
C ILE A 362 0.93 0.18 -10.65
N VAL A 363 -0.19 0.90 -10.55
CA VAL A 363 -0.22 2.22 -9.93
C VAL A 363 -0.02 1.99 -8.46
N LEU A 364 0.96 2.74 -7.95
CA LEU A 364 1.40 2.62 -6.58
C LEU A 364 1.13 3.80 -5.68
N ASN A 365 0.56 3.54 -4.52
CA ASN A 365 0.25 4.60 -3.59
C ASN A 365 0.90 4.30 -2.25
N GLY A 366 1.15 5.27 -1.36
CA GLY A 366 1.80 4.93 -0.10
C GLY A 366 1.07 5.43 1.11
N GLU A 367 1.51 5.04 2.31
CA GLU A 367 0.93 5.44 3.62
C GLU A 367 2.00 5.35 4.70
N ASN A 368 1.83 6.07 5.81
CA ASN A 368 2.80 5.96 6.89
C ASN A 368 2.21 4.92 7.82
N ALA A 369 3.04 4.08 8.45
CA ALA A 369 2.52 3.05 9.35
C ALA A 369 2.06 3.57 10.71
N LEU A 370 2.80 4.55 11.22
CA LEU A 370 2.53 5.17 12.51
C LEU A 370 2.44 6.67 12.46
N SER A 371 1.75 7.28 13.46
CA SER A 371 1.61 8.74 13.55
C SER A 371 2.95 9.43 13.49
N ILE A 372 3.07 10.45 12.64
CA ILE A 372 4.29 11.21 12.52
C ILE A 372 4.14 12.40 13.46
N GLY A 373 5.16 12.72 14.25
CA GLY A 373 5.06 13.85 15.15
C GLY A 373 6.30 14.69 14.95
N ASN A 374 6.87 14.64 13.74
CA ASN A 374 8.11 15.32 13.43
C ASN A 374 8.41 15.53 11.95
N GLU A 375 8.93 16.70 11.59
CA GLU A 375 9.26 17.07 10.23
C GLU A 375 10.30 16.14 9.54
N GLU A 376 11.21 15.54 10.31
CA GLU A 376 12.21 14.63 9.78
C GLU A 376 11.53 13.43 9.07
N GLU A 377 10.47 12.85 9.66
CA GLU A 377 9.76 11.75 9.04
C GLU A 377 9.03 12.20 7.79
N TYR A 378 8.58 13.47 7.71
CA TYR A 378 7.92 13.90 6.49
C TYR A 378 8.98 13.93 5.40
N LYS A 379 10.25 14.28 5.70
CA LYS A 379 11.30 14.29 4.67
C LYS A 379 11.62 12.90 4.14
N ARG A 380 11.52 11.86 4.99
CA ARG A 380 11.73 10.49 4.55
C ARG A 380 10.56 10.03 3.70
N VAL A 381 9.31 10.34 4.02
CA VAL A 381 8.18 9.98 3.16
C VAL A 381 8.40 10.69 1.81
N ALA A 382 8.77 11.98 1.82
CA ALA A 382 9.03 12.74 0.59
C ALA A 382 10.10 12.06 -0.27
N GLU A 383 11.23 11.60 0.28
CA GLU A 383 12.24 10.95 -0.52
C GLU A 383 11.76 9.74 -1.28
N MET A 384 10.96 8.88 -0.63
CA MET A 384 10.40 7.68 -1.24
C MET A 384 9.29 7.95 -2.26
N ALA A 385 8.32 8.79 -1.87
CA ALA A 385 7.22 9.15 -2.74
C ALA A 385 7.68 9.85 -4.00
N PHE A 386 8.64 10.79 -3.98
CA PHE A 386 9.02 11.47 -5.21
C PHE A 386 10.15 10.84 -5.97
N ASN A 387 10.94 9.93 -5.42
CA ASN A 387 11.98 9.26 -6.18
C ASN A 387 11.60 7.85 -6.66
N TYR A 388 10.51 7.20 -6.17
CA TYR A 388 10.08 5.88 -6.63
C TYR A 388 8.73 5.80 -7.32
N ASN A 389 8.29 6.93 -7.92
CA ASN A 389 7.08 7.07 -8.70
C ASN A 389 5.71 6.78 -8.08
N PHE A 390 5.55 7.19 -6.83
CA PHE A 390 4.27 7.01 -6.15
C PHE A 390 3.27 8.05 -6.70
N ALA A 391 2.06 7.59 -6.99
CA ALA A 391 0.96 8.42 -7.49
C ALA A 391 0.12 9.00 -6.33
N GLY A 392 0.37 8.61 -5.10
CA GLY A 392 -0.36 9.16 -4.01
C GLY A 392 0.24 8.74 -2.70
N PHE A 393 -0.06 9.58 -1.72
CA PHE A 393 0.35 9.39 -0.34
C PHE A 393 -0.82 9.78 0.57
N THR A 394 -1.24 8.89 1.48
CA THR A 394 -2.29 9.11 2.42
C THR A 394 -1.69 9.23 3.83
N LEU A 395 -2.04 10.29 4.56
CA LEU A 395 -1.54 10.47 5.92
C LEU A 395 -2.48 9.89 6.99
N LEU A 396 -1.89 9.09 7.86
CA LEU A 396 -2.55 8.47 9.01
C LEU A 396 -2.14 9.50 10.05
N ARG A 397 -2.96 10.29 10.76
CA ARG A 397 -4.41 10.31 10.68
C ARG A 397 -4.90 11.70 11.02
N TYR A 398 -6.14 12.07 10.66
CA TYR A 398 -6.83 13.33 10.87
C TYR A 398 -6.32 14.32 11.92
N GLN A 399 -6.53 13.95 13.19
CA GLN A 399 -6.18 14.73 14.38
C GLN A 399 -4.74 15.15 14.57
N ASP A 400 -3.78 14.44 13.97
CA ASP A 400 -2.36 14.76 14.09
C ASP A 400 -1.98 16.09 13.44
N VAL A 401 -2.65 16.49 12.36
CA VAL A 401 -2.39 17.74 11.68
C VAL A 401 -3.51 18.73 11.85
N MET A 402 -4.76 18.27 12.03
CA MET A 402 -5.88 19.15 12.19
C MET A 402 -5.77 19.86 13.52
N TYR A 403 -5.11 19.33 14.56
CA TYR A 403 -5.00 20.07 15.81
C TYR A 403 -3.56 20.47 16.11
N ASN A 404 -2.75 20.63 15.06
CA ASN A 404 -1.38 21.05 15.23
C ASN A 404 -1.03 21.83 13.99
N ASN A 405 -1.13 23.15 14.09
CA ASN A 405 -0.84 24.01 12.96
C ASN A 405 0.63 24.03 12.59
N SER A 406 1.58 23.69 13.47
CA SER A 406 2.95 23.74 13.00
C SER A 406 3.24 22.49 12.18
N LEU A 407 2.75 21.30 12.57
CA LEU A 407 2.97 20.07 11.81
C LEU A 407 2.24 20.20 10.48
N MET A 408 0.99 20.71 10.49
CA MET A 408 0.16 20.93 9.28
C MET A 408 0.86 21.82 8.27
N GLY A 409 1.62 22.81 8.76
CA GLY A 409 2.37 23.74 7.92
C GLY A 409 3.58 23.06 7.27
N LYS A 410 4.22 22.15 7.99
CA LYS A 410 5.37 21.39 7.49
C LYS A 410 4.91 20.39 6.45
N PHE A 411 3.72 19.79 6.65
CA PHE A 411 3.13 18.85 5.71
C PHE A 411 2.83 19.64 4.44
N LYS A 412 2.19 20.81 4.51
CA LYS A 412 1.88 21.57 3.30
C LYS A 412 3.11 21.82 2.45
N ASP A 413 4.22 22.27 3.08
CA ASP A 413 5.45 22.57 2.37
C ASP A 413 6.10 21.36 1.74
N LEU A 414 6.29 20.28 2.48
CA LEU A 414 6.93 19.06 1.98
C LEU A 414 6.13 18.08 1.14
N LEU A 415 4.91 17.79 1.58
CA LEU A 415 4.05 16.84 0.92
C LEU A 415 2.72 17.33 0.32
N GLY A 416 2.14 18.50 0.64
CA GLY A 416 0.86 18.89 0.04
C GLY A 416 1.07 19.63 -1.24
N VAL A 417 1.87 19.02 -2.12
CA VAL A 417 2.30 19.56 -3.40
C VAL A 417 1.46 19.21 -4.63
N THR A 418 1.42 20.19 -5.51
CA THR A 418 0.70 20.10 -6.78
C THR A 418 1.81 20.01 -7.81
N PRO A 419 2.01 18.92 -8.55
CA PRO A 419 2.96 18.90 -9.65
C PRO A 419 2.57 19.67 -10.94
N VAL A 420 3.53 20.42 -11.53
CA VAL A 420 3.34 21.17 -12.76
C VAL A 420 4.58 20.96 -13.63
N MET A 421 4.35 20.71 -14.93
CA MET A 421 5.40 20.51 -15.90
C MET A 421 6.11 21.82 -16.24
N GLN A 422 7.44 21.85 -16.35
CA GLN A 422 8.18 23.04 -16.68
C GLN A 422 9.30 22.61 -17.59
N THR A 423 9.84 23.55 -18.36
CA THR A 423 10.93 23.25 -19.28
C THR A 423 12.23 23.79 -18.69
N ILE A 424 13.29 23.00 -18.49
CA ILE A 424 14.55 23.54 -17.96
C ILE A 424 15.50 23.63 -19.15
N VAL A 425 16.22 24.73 -19.46
CA VAL A 425 17.16 24.85 -20.61
C VAL A 425 18.55 25.27 -20.09
N VAL A 426 19.65 24.59 -20.49
CA VAL A 426 20.98 24.96 -20.04
C VAL A 426 21.84 25.17 -21.29
N LYS A 427 22.41 26.37 -21.33
CA LYS A 427 23.24 26.77 -22.43
C LYS A 427 24.72 26.74 -22.10
N ASN A 428 25.47 26.68 -23.21
CA ASN A 428 26.94 26.72 -23.19
C ASN A 428 27.67 25.62 -22.45
N VAL A 429 27.10 24.41 -22.43
CA VAL A 429 27.68 23.22 -21.74
C VAL A 429 28.85 22.64 -22.55
N PRO A 430 30.06 22.46 -21.98
CA PRO A 430 31.22 21.86 -22.65
C PRO A 430 31.22 20.33 -22.71
N THR A 431 30.24 19.86 -23.45
CA THR A 431 30.01 18.46 -23.64
C THR A 431 30.92 17.88 -24.70
N THR A 432 31.40 16.67 -24.41
CA THR A 432 32.23 15.94 -25.35
C THR A 432 31.47 14.61 -25.45
N ILE A 433 31.78 13.97 -26.58
CA ILE A 433 31.21 12.70 -26.99
C ILE A 433 31.10 11.65 -25.87
N GLY A 434 29.87 11.23 -25.65
CA GLY A 434 29.57 10.23 -24.62
C GLY A 434 29.00 10.76 -23.32
N ASP A 435 29.19 12.07 -23.13
CA ASP A 435 28.70 12.75 -21.96
C ASP A 435 27.21 12.99 -22.06
N THR A 436 26.65 13.00 -20.84
CA THR A 436 25.24 13.22 -20.60
C THR A 436 25.01 14.28 -19.52
N VAL A 437 24.06 15.24 -19.71
CA VAL A 437 23.80 16.24 -18.69
C VAL A 437 22.56 15.93 -17.88
N TYR A 438 22.69 16.06 -16.57
CA TYR A 438 21.65 15.83 -15.61
C TYR A 438 21.48 17.03 -14.72
N ILE A 439 20.37 17.12 -13.96
CA ILE A 439 20.14 18.20 -13.01
C ILE A 439 19.76 17.59 -11.70
N THR A 440 20.24 18.17 -10.61
CA THR A 440 19.87 17.67 -9.30
C THR A 440 19.67 18.94 -8.45
N GLY A 441 18.97 18.85 -7.32
CA GLY A 441 18.69 20.02 -6.50
C GLY A 441 18.37 19.72 -5.05
N ASN A 442 17.97 20.76 -4.31
CA ASN A 442 17.70 20.60 -2.90
C ASN A 442 16.47 19.91 -2.35
N ARG A 443 15.32 19.97 -3.03
CA ARG A 443 14.08 19.32 -2.57
C ARG A 443 14.04 17.86 -2.94
N ALA A 444 13.21 16.98 -2.34
CA ALA A 444 13.19 15.56 -2.73
C ALA A 444 12.71 15.27 -4.14
N GLU A 445 11.96 16.22 -4.73
CA GLU A 445 11.49 16.01 -6.08
C GLU A 445 12.56 16.30 -7.11
N LEU A 446 13.74 16.77 -6.66
CA LEU A 446 14.88 17.02 -7.54
C LEU A 446 16.01 16.06 -7.17
N GLY A 447 15.77 15.07 -6.31
CA GLY A 447 16.78 14.09 -5.90
C GLY A 447 17.63 14.47 -4.68
N SER A 448 17.45 15.61 -4.00
CA SER A 448 18.23 16.03 -2.84
C SER A 448 19.77 16.01 -2.97
N TRP A 449 20.28 16.63 -4.04
CA TRP A 449 21.71 16.75 -4.41
C TRP A 449 22.48 15.44 -4.71
N ASP A 450 21.71 14.37 -4.99
CA ASP A 450 22.23 13.03 -5.29
C ASP A 450 22.55 12.93 -6.76
N THR A 451 23.75 12.42 -7.04
CA THR A 451 24.24 12.24 -8.40
C THR A 451 24.35 10.80 -8.89
N LYS A 452 24.09 9.75 -8.08
CA LYS A 452 24.19 8.37 -8.59
C LYS A 452 22.83 7.73 -8.90
N GLN A 453 21.89 7.72 -7.96
CA GLN A 453 20.58 7.13 -8.15
C GLN A 453 19.43 8.02 -8.60
N TYR A 454 19.35 9.26 -8.09
CA TYR A 454 18.25 10.15 -8.40
C TYR A 454 18.24 11.39 -9.31
N PRO A 455 19.26 11.80 -10.10
CA PRO A 455 19.24 12.99 -10.92
C PRO A 455 18.27 12.79 -12.08
N ILE A 456 17.81 13.93 -12.66
CA ILE A 456 16.87 13.96 -13.75
C ILE A 456 17.62 14.23 -15.05
N GLN A 457 17.53 13.35 -16.04
CA GLN A 457 18.20 13.51 -17.31
C GLN A 457 17.67 14.56 -18.25
N LEU A 458 18.55 15.28 -18.95
CA LEU A 458 18.15 16.30 -19.89
C LEU A 458 18.50 15.76 -21.27
N TYR A 459 18.15 16.43 -22.37
CA TYR A 459 18.36 15.98 -23.73
C TYR A 459 18.93 17.02 -24.66
N TYR A 460 19.99 16.70 -25.40
CA TYR A 460 20.59 17.62 -26.33
C TYR A 460 19.69 18.01 -27.50
N ASP A 461 19.70 19.30 -27.77
CA ASP A 461 18.92 19.90 -28.85
C ASP A 461 20.00 20.30 -29.83
N SER A 462 20.09 19.53 -30.91
CA SER A 462 21.09 19.76 -31.93
C SER A 462 20.87 20.99 -32.78
N HIS A 463 19.65 21.54 -32.81
CA HIS A 463 19.32 22.73 -33.59
C HIS A 463 19.71 24.04 -32.88
N SER A 464 19.52 24.20 -31.55
CA SER A 464 19.94 25.42 -30.88
C SER A 464 21.15 25.13 -30.03
N ASN A 465 21.63 23.88 -30.00
CA ASN A 465 22.81 23.45 -29.24
C ASN A 465 22.86 23.74 -27.74
N ASP A 466 21.83 23.22 -27.09
CA ASP A 466 21.67 23.32 -25.67
C ASP A 466 21.06 22.03 -25.17
N TRP A 467 20.97 21.88 -23.84
CA TRP A 467 20.42 20.69 -23.26
C TRP A 467 19.13 21.10 -22.58
N ARG A 468 18.09 20.29 -22.78
CA ARG A 468 16.81 20.62 -22.21
C ARG A 468 15.91 19.48 -21.87
N GLY A 469 14.76 19.76 -21.26
CA GLY A 469 13.80 18.74 -20.90
C GLY A 469 12.64 19.21 -20.05
N ASN A 470 11.47 18.61 -20.29
CA ASN A 470 10.26 18.88 -19.51
C ASN A 470 10.31 17.95 -18.29
N VAL A 471 10.40 18.64 -17.15
CA VAL A 471 10.51 18.17 -15.77
C VAL A 471 9.29 18.43 -14.88
N VAL A 472 8.83 17.51 -14.03
CA VAL A 472 7.68 17.77 -13.16
C VAL A 472 8.26 18.40 -11.88
N LEU A 473 7.77 19.59 -11.50
CA LEU A 473 8.25 20.32 -10.35
C LEU A 473 7.13 20.62 -9.36
N PRO A 474 7.39 20.86 -8.04
CA PRO A 474 6.39 21.33 -7.07
C PRO A 474 5.99 22.82 -7.29
N ALA A 475 4.74 23.09 -7.74
CA ALA A 475 4.26 24.47 -7.96
C ALA A 475 4.39 25.23 -6.66
N GLU A 476 4.82 26.47 -6.84
CA GLU A 476 5.06 27.46 -5.80
C GLU A 476 5.75 27.13 -4.50
N ARG A 477 6.89 26.53 -4.75
CA ARG A 477 7.80 26.16 -3.69
C ARG A 477 9.11 26.68 -4.26
N ASN A 478 10.00 27.14 -3.38
CA ASN A 478 11.30 27.64 -3.79
C ASN A 478 12.24 26.44 -3.96
N ILE A 479 12.98 26.42 -5.06
CA ILE A 479 13.90 25.31 -5.33
C ILE A 479 15.26 25.83 -5.74
N GLU A 480 16.31 25.06 -5.45
CA GLU A 480 17.67 25.38 -5.87
C GLU A 480 18.13 24.13 -6.60
N PHE A 481 18.89 24.33 -7.68
CA PHE A 481 19.40 23.23 -8.48
C PHE A 481 20.64 23.65 -9.26
N LYS A 482 21.36 22.66 -9.80
CA LYS A 482 22.55 22.83 -10.65
C LYS A 482 22.60 21.71 -11.66
N ALA A 483 23.06 21.96 -12.89
CA ALA A 483 23.23 20.92 -13.89
C ALA A 483 24.67 20.37 -13.77
N PHE A 484 24.94 19.14 -14.23
CA PHE A 484 26.27 18.55 -14.18
C PHE A 484 26.42 17.55 -15.32
N ILE A 485 27.67 17.29 -15.74
CA ILE A 485 27.98 16.36 -16.79
C ILE A 485 28.38 15.03 -16.17
N LYS A 486 27.88 13.94 -16.75
CA LYS A 486 28.22 12.59 -16.32
C LYS A 486 28.95 12.00 -17.54
N SER A 487 30.16 11.42 -17.43
CA SER A 487 30.86 10.84 -18.57
C SER A 487 30.25 9.52 -19.04
N LYS A 488 30.84 8.95 -20.11
CA LYS A 488 30.37 7.67 -20.64
C LYS A 488 30.33 6.53 -19.61
N ASP A 489 31.20 6.65 -18.58
CA ASP A 489 31.34 5.67 -17.50
C ASP A 489 30.78 6.01 -16.11
N GLY A 490 29.67 6.76 -16.06
CA GLY A 490 29.00 7.14 -14.80
C GLY A 490 29.74 8.07 -13.84
N THR A 491 30.81 8.79 -14.18
CA THR A 491 31.47 9.68 -13.22
C THR A 491 31.14 11.16 -13.48
N VAL A 492 30.98 11.95 -12.42
CA VAL A 492 30.68 13.38 -12.56
C VAL A 492 31.90 14.16 -13.03
N LYS A 493 31.94 14.55 -14.30
CA LYS A 493 33.06 15.31 -14.81
C LYS A 493 33.11 16.74 -14.33
N SER A 494 31.98 17.45 -14.31
CA SER A 494 31.97 18.85 -13.89
C SER A 494 30.58 19.40 -13.54
N TRP A 495 30.54 20.44 -12.70
CA TRP A 495 29.29 21.05 -12.32
C TRP A 495 29.08 22.42 -12.97
N GLN A 496 27.82 22.90 -12.96
CA GLN A 496 27.44 24.21 -13.50
C GLN A 496 28.15 25.29 -12.68
N THR A 497 28.57 26.44 -13.24
CA THR A 497 29.28 27.43 -12.44
C THR A 497 28.56 27.98 -11.20
N ILE A 498 27.39 28.56 -11.47
CA ILE A 498 26.56 29.18 -10.43
C ILE A 498 25.33 28.35 -10.09
N GLN A 499 24.93 28.31 -8.81
CA GLN A 499 23.74 27.58 -8.40
C GLN A 499 22.51 28.33 -8.85
N GLN A 500 21.51 27.67 -9.40
CA GLN A 500 20.32 28.36 -9.85
C GLN A 500 19.16 28.16 -8.90
N SER A 501 18.11 29.00 -9.04
CA SER A 501 16.90 28.91 -8.25
C SER A 501 15.71 29.45 -9.01
N TRP A 502 14.53 29.06 -8.51
CA TRP A 502 13.29 29.49 -9.09
C TRP A 502 12.59 29.73 -7.79
N ASN A 503 12.35 31.00 -7.49
CA ASN A 503 11.70 31.47 -6.25
C ASN A 503 10.34 32.17 -6.34
N PRO A 504 9.19 31.50 -6.43
CA PRO A 504 9.06 30.06 -6.50
C PRO A 504 8.81 29.59 -7.93
N VAL A 505 8.51 28.30 -8.03
CA VAL A 505 8.19 27.71 -9.31
C VAL A 505 6.76 28.26 -9.64
N PRO A 506 6.53 28.85 -10.83
CA PRO A 506 5.22 29.36 -11.24
C PRO A 506 4.21 28.27 -11.39
N LEU A 507 2.89 28.44 -11.33
CA LEU A 507 2.13 27.23 -11.52
C LEU A 507 1.58 27.06 -12.89
N LYS A 508 2.00 27.95 -13.79
CA LYS A 508 1.59 27.89 -15.17
C LYS A 508 2.88 27.51 -15.91
N THR A 509 2.80 26.72 -17.01
CA THR A 509 3.99 26.26 -17.74
C THR A 509 4.77 27.31 -18.54
N THR A 510 6.05 27.45 -18.15
CA THR A 510 7.07 28.37 -18.70
C THR A 510 8.40 27.61 -18.91
N SER A 511 9.54 28.33 -18.99
CA SER A 511 10.85 27.76 -19.16
C SER A 511 11.82 28.50 -18.26
N HIS A 512 12.87 27.86 -17.75
CA HIS A 512 13.86 28.49 -16.91
C HIS A 512 15.10 28.25 -17.74
N THR A 513 15.67 29.32 -18.34
CA THR A 513 16.87 29.24 -19.17
C THR A 513 18.07 29.75 -18.39
N SER A 514 19.20 29.03 -18.37
CA SER A 514 20.42 29.44 -17.69
C SER A 514 21.64 29.05 -18.53
N SER A 515 22.80 29.52 -18.10
CA SER A 515 24.06 29.24 -18.76
C SER A 515 24.99 28.54 -17.76
N TRP A 516 25.87 27.77 -18.41
CA TRP A 516 26.89 27.03 -17.70
C TRP A 516 27.81 28.08 -17.09
C1 GLC B . -1.01 -0.03 8.81
C2 GLC B . -1.24 0.93 9.95
C3 GLC B . -2.62 0.66 10.51
C4 GLC B . -3.71 0.67 9.40
C5 GLC B . -3.33 -0.23 8.17
C6 GLC B . -4.20 -0.12 6.91
O1 GLC B . 0.28 0.13 8.26
O2 GLC B . -0.25 0.77 10.95
O3 GLC B . -2.94 1.63 11.48
O4 GLC B . -4.93 0.14 9.98
O5 GLC B . -1.99 0.09 7.76
O6 GLC B . -4.29 1.21 6.40
C1 GLC B . -5.85 1.05 10.54
C2 GLC B . -6.94 0.18 11.10
C3 GLC B . -7.75 -0.43 9.98
C4 GLC B . -8.31 0.65 9.07
C5 GLC B . -7.20 1.45 8.48
C6 GLC B . -7.67 2.60 7.58
O2 GLC B . -6.37 -0.82 11.89
O3 GLC B . -8.83 -1.17 10.52
O4 GLC B . -9.05 0.04 8.02
O5 GLC B . -6.40 1.99 9.57
O6 GLC B . -8.25 3.67 8.30
C1 GLC C . 5.39 -1.76 15.52
C2 GLC C . 6.12 -1.42 14.19
C3 GLC C . 5.06 -1.08 13.14
C4 GLC C . 4.02 -2.21 13.10
C5 GLC C . 3.32 -2.35 14.44
C6 GLC C . 2.12 -3.32 14.55
O1 GLC C . 4.90 -0.64 16.22
O2 GLC C . 7.04 -0.34 14.33
O3 GLC C . 5.67 -0.93 11.87
O4 GLC C . 3.04 -1.98 12.07
O5 GLC C . 4.34 -2.72 15.36
O6 GLC C . 2.52 -4.65 14.53
C1 GLC C . 2.88 -3.13 11.23
C2 GLC C . 3.19 -2.82 9.72
C3 GLC C . 1.93 -2.21 9.08
C4 GLC C . 0.82 -3.20 9.38
C5 GLC C . 0.50 -3.10 10.88
C6 GLC C . -0.87 -3.68 11.38
O2 GLC C . 4.30 -1.94 9.57
O3 GLC C . 2.05 -1.97 7.69
O4 GLC C . -0.29 -2.92 8.62
O5 GLC C . 1.60 -3.74 11.50
O6 GLC C . -1.57 -4.30 10.33
C1 GLC D . 10.48 -30.53 7.25
C2 GLC D . 9.49 -29.40 7.48
C3 GLC D . 8.31 -30.07 8.14
C4 GLC D . 7.72 -31.13 7.17
C5 GLC D . 8.79 -32.10 6.63
C6 GLC D . 8.29 -32.91 5.45
O1 GLC D . 11.76 -30.05 6.97
O2 GLC D . 10.03 -28.35 8.23
O3 GLC D . 7.36 -29.11 8.48
O4 GLC D . 6.76 -31.88 7.91
O5 GLC D . 9.96 -31.37 6.20
O6 GLC D . 8.91 -34.16 5.47
C1 GLC D . 5.42 -31.51 7.66
C2 GLC D . 4.63 -31.89 8.86
C3 GLC D . 4.44 -33.39 8.96
C4 GLC D . 3.81 -33.88 7.69
C5 GLC D . 4.74 -33.53 6.52
C6 GLC D . 4.18 -33.97 5.21
O2 GLC D . 5.35 -31.44 9.98
O3 GLC D . 3.63 -33.70 10.07
O4 GLC D . 3.61 -35.27 7.77
O5 GLC D . 4.92 -32.11 6.46
O6 GLC D . 2.95 -33.35 5.04
C1 GLC E . 31.11 21.32 -6.15
C2 GLC E . 30.01 21.99 -6.94
C3 GLC E . 28.85 22.19 -6.03
C4 GLC E . 28.42 20.86 -5.42
C5 GLC E . 29.55 20.09 -4.72
C6 GLC E . 29.08 18.66 -4.34
O1 GLC E . 32.21 21.18 -7.01
O2 GLC E . 30.44 23.23 -7.47
O3 GLC E . 27.77 22.77 -6.73
O4 GLC E . 27.48 21.24 -4.43
O5 GLC E . 30.67 20.04 -5.64
O6 GLC E . 29.99 18.00 -3.48
C1 GLC E . 26.12 20.92 -4.68
C2 GLC E . 25.29 22.15 -4.30
C3 GLC E . 25.45 22.46 -2.80
C4 GLC E . 25.09 21.18 -1.99
C5 GLC E . 25.99 19.98 -2.43
C6 GLC E . 25.69 18.67 -1.66
O2 GLC E . 25.70 23.28 -5.05
O3 GLC E . 24.61 23.54 -2.45
O4 GLC E . 25.24 21.36 -0.60
O5 GLC E . 25.77 19.77 -3.87
O6 GLC E . 26.45 17.58 -2.15
C ACT F . -6.26 -20.72 5.67
O ACT F . -6.77 -21.13 6.72
OXT ACT F . -6.86 -19.91 4.97
CH3 ACT F . -4.89 -21.21 5.23
S SO4 G . -0.76 24.82 17.35
O1 SO4 G . 0.34 24.45 16.51
O2 SO4 G . -1.95 25.00 16.58
O3 SO4 G . -0.42 26.07 18.00
O4 SO4 G . -1.05 23.75 18.29
CA CA H . -25.80 -10.40 2.65
#